data_3NAX
#
_entry.id   3NAX
#
_cell.length_a   44.668
_cell.length_b   44.943
_cell.length_c   42.204
_cell.angle_alpha   109.27
_cell.angle_beta   90.50
_cell.angle_gamma   62.43
#
_symmetry.space_group_name_H-M   'P 1'
#
loop_
_entity.id
_entity.type
_entity.pdbx_description
1 polymer '3-phosphoinositide-dependent protein kinase 1'
2 non-polymer 1-(3,4-difluorobenzyl)-2-oxo-N-{(1R)-2-[(2-oxo-2,3-dihydro-1H-benzimidazol-5-yl)oxy]-1-phenylethyl}-1,2-dihydropyridine-3-carboxamide
3 water water
#
_entity_poly.entity_id   1
_entity_poly.type   'polypeptide(L)'
_entity_poly.pdbx_seq_one_letter_code
;MHHHHHHENLYFQGQHAQPPPQPRKKRPEDFKFGKILGEGSFSTVVLARELATSREYAIKILEKRHIIKENKVPYVTRER
DVMSRLDHPFFVKLYFTFQDDEKLYFGLSYAKNGELLKYIRKIGSFDETCTRFYTAEIVSALEYLHGKGIIHRDLKPENI
LLNEDMHIQITDFGTAKVLSPESKQARANSFVGTAQYVSPELLTEKSACKSSDLWALGCIIYQLVAGLPPFRAGNEYLIF
QKIIKLEYDFPEKFFPKARDLVEKLLVLDATKRLGCEEMEGYGPLKAHPFFESVTWENLHQQTPPKLTAYL
;
_entity_poly.pdbx_strand_id   A
#
loop_
_chem_comp.id
_chem_comp.type
_chem_comp.name
_chem_comp.formula
MP7 non-polymer 1-(3,4-difluorobenzyl)-2-oxo-N-{(1R)-2-[(2-oxo-2,3-dihydro-1H-benzimidazol-5-yl)oxy]-1-phenylethyl}-1,2-dihydropyridine-3-carboxamide 'C28 H22 F2 N4 O4'
#
# COMPACT_ATOMS: atom_id res chain seq x y z
N LYS A 25 19.77 -13.14 19.81
CA LYS A 25 19.42 -13.24 18.40
C LYS A 25 18.65 -14.53 18.12
N LYS A 26 17.68 -14.43 17.24
CA LYS A 26 16.87 -15.57 16.83
C LYS A 26 17.59 -16.34 15.75
N ARG A 27 17.18 -17.57 15.52
CA ARG A 27 17.77 -18.41 14.46
C ARG A 27 16.72 -19.19 13.70
N PRO A 28 17.03 -19.78 12.51
CA PRO A 28 15.99 -20.51 11.77
C PRO A 28 15.28 -21.60 12.58
N GLU A 29 16.04 -22.34 13.42
CA GLU A 29 15.53 -23.42 14.27
C GLU A 29 14.51 -23.00 15.31
N ASP A 30 14.39 -21.67 15.57
CA ASP A 30 13.43 -21.15 16.54
C ASP A 30 12.02 -21.10 15.97
N PHE A 31 11.87 -21.43 14.67
CA PHE A 31 10.59 -21.32 13.99
C PHE A 31 10.20 -22.59 13.25
N LYS A 32 8.89 -22.75 13.10
CA LYS A 32 8.27 -23.76 12.25
C LYS A 32 7.75 -22.97 11.05
N PHE A 33 8.33 -23.24 9.87
CA PHE A 33 7.99 -22.53 8.65
C PHE A 33 6.80 -23.18 8.00
N GLY A 34 5.86 -22.34 7.58
CA GLY A 34 4.62 -22.78 6.92
C GLY A 34 4.59 -22.43 5.45
N LYS A 35 3.42 -21.98 4.97
CA LYS A 35 3.22 -21.62 3.55
C LYS A 35 3.87 -20.32 3.10
N ILE A 36 4.02 -20.17 1.77
CA ILE A 36 4.53 -18.95 1.16
C ILE A 36 3.40 -17.92 1.18
N LEU A 37 3.69 -16.74 1.69
CA LEU A 37 2.74 -15.63 1.73
C LEU A 37 2.87 -14.71 0.53
N GLY A 38 4.08 -14.67 -0.03
CA GLY A 38 4.35 -13.80 -1.16
C GLY A 38 5.76 -13.95 -1.64
N GLU A 39 6.03 -13.41 -2.84
CA GLU A 39 7.35 -13.55 -3.44
C GLU A 39 7.58 -12.45 -4.44
N GLY A 40 8.82 -12.01 -4.50
CA GLY A 40 9.23 -11.02 -5.49
C GLY A 40 10.64 -10.57 -5.23
N SER A 41 11.34 -10.20 -6.30
CA SER A 41 12.69 -9.68 -6.20
C SER A 41 13.65 -10.52 -5.38
N PHE A 42 13.71 -11.84 -5.69
CA PHE A 42 14.63 -12.82 -5.09
C PHE A 42 14.39 -12.99 -3.57
N SER A 43 13.21 -12.56 -3.11
CA SER A 43 12.80 -12.63 -1.71
C SER A 43 11.49 -13.42 -1.62
N THR A 44 11.43 -14.36 -0.68
CA THR A 44 10.23 -15.18 -0.48
C THR A 44 9.74 -14.96 0.94
N VAL A 45 8.45 -14.62 1.10
CA VAL A 45 7.88 -14.33 2.42
C VAL A 45 7.13 -15.57 2.85
N VAL A 46 7.53 -16.15 3.98
CA VAL A 46 6.95 -17.40 4.48
C VAL A 46 6.31 -17.22 5.84
N LEU A 47 5.12 -17.77 6.03
CA LEU A 47 4.50 -17.75 7.34
C LEU A 47 5.30 -18.64 8.29
N ALA A 48 5.60 -18.15 9.50
CA ALA A 48 6.38 -18.93 10.45
C ALA A 48 5.86 -18.74 11.85
N ARG A 49 5.88 -19.82 12.62
CA ARG A 49 5.47 -19.76 14.01
C ARG A 49 6.70 -19.86 14.90
N GLU A 50 6.85 -18.93 15.83
CA GLU A 50 7.96 -18.96 16.77
C GLU A 50 7.65 -20.07 17.78
N LEU A 51 8.50 -21.10 17.85
CA LEU A 51 8.25 -22.29 18.68
C LEU A 51 8.04 -22.01 20.14
N ALA A 52 8.85 -21.12 20.71
CA ALA A 52 8.82 -20.78 22.13
C ALA A 52 7.62 -20.00 22.60
N THR A 53 7.01 -19.20 21.69
CA THR A 53 5.91 -18.28 22.02
C THR A 53 4.56 -18.51 21.31
N SER A 54 4.55 -19.25 20.19
CA SER A 54 3.39 -19.45 19.32
C SER A 54 3.07 -18.18 18.50
N ARG A 55 3.92 -17.15 18.58
CA ARG A 55 3.71 -15.92 17.82
C ARG A 55 4.02 -16.18 16.37
N GLU A 56 3.22 -15.61 15.46
CA GLU A 56 3.41 -15.82 14.02
C GLU A 56 4.00 -14.60 13.40
N TYR A 57 4.97 -14.80 12.50
CA TYR A 57 5.60 -13.74 11.74
C TYR A 57 5.58 -14.10 10.28
N ALA A 58 5.74 -13.11 9.40
CA ALA A 58 5.91 -13.34 7.98
C ALA A 58 7.42 -13.17 7.79
N ILE A 59 8.16 -14.28 7.60
CA ILE A 59 9.62 -14.17 7.52
C ILE A 59 10.05 -14.13 6.07
N LYS A 60 10.74 -13.04 5.71
CA LYS A 60 11.27 -12.88 4.34
C LYS A 60 12.64 -13.55 4.26
N ILE A 61 12.82 -14.43 3.28
CA ILE A 61 14.06 -15.20 3.13
C ILE A 61 14.71 -14.84 1.80
N LEU A 62 16.00 -14.47 1.86
CA LEU A 62 16.81 -14.13 0.68
C LEU A 62 17.99 -15.09 0.65
N GLU A 63 18.24 -15.71 -0.50
CA GLU A 63 19.39 -16.60 -0.59
C GLU A 63 20.59 -15.73 -0.92
N LYS A 64 21.68 -15.92 -0.20
CA LYS A 64 22.93 -15.15 -0.38
C LYS A 64 23.48 -15.26 -1.80
N ARG A 65 23.22 -16.42 -2.47
CA ARG A 65 23.67 -16.68 -3.85
C ARG A 65 23.16 -15.61 -4.81
N HIS A 66 21.97 -15.06 -4.53
CA HIS A 66 21.31 -14.04 -5.35
C HIS A 66 21.75 -12.60 -5.11
N ILE A 67 22.52 -12.36 -4.04
CA ILE A 67 22.96 -11.02 -3.69
C ILE A 67 24.22 -10.67 -4.48
N ILE A 68 23.98 -10.28 -5.72
CA ILE A 68 25.01 -9.87 -6.70
C ILE A 68 24.50 -8.57 -7.31
N LYS A 69 25.41 -7.71 -7.80
CA LYS A 69 25.02 -6.40 -8.36
C LYS A 69 23.90 -6.40 -9.38
N GLU A 70 23.99 -7.29 -10.36
CA GLU A 70 23.06 -7.42 -11.48
C GLU A 70 21.63 -7.69 -11.02
N ASN A 71 21.45 -8.31 -9.85
CA ASN A 71 20.11 -8.66 -9.37
C ASN A 71 19.31 -7.54 -8.68
N LYS A 72 20.00 -6.50 -8.15
CA LYS A 72 19.39 -5.34 -7.48
C LYS A 72 18.39 -5.79 -6.37
N VAL A 73 18.78 -6.79 -5.58
CA VAL A 73 17.93 -7.34 -4.52
C VAL A 73 17.61 -6.24 -3.51
N PRO A 74 16.33 -5.98 -3.20
CA PRO A 74 16.02 -4.88 -2.26
C PRO A 74 16.30 -5.27 -0.83
N TYR A 75 16.47 -4.25 0.05
CA TYR A 75 16.65 -4.38 1.49
C TYR A 75 17.99 -4.97 1.93
N VAL A 76 18.96 -4.99 1.02
CA VAL A 76 20.30 -5.52 1.36
C VAL A 76 21.22 -4.33 1.56
N THR A 77 21.04 -3.28 0.73
CA THR A 77 21.90 -2.10 0.83
C THR A 77 21.27 -1.02 1.66
N ARG A 78 21.98 0.10 1.86
CA ARG A 78 21.54 1.15 2.77
C ARG A 78 20.38 2.00 2.32
N GLU A 79 20.05 2.02 1.03
CA GLU A 79 19.03 2.94 0.50
C GLU A 79 17.62 2.74 1.05
N ARG A 80 17.38 1.61 1.72
CA ARG A 80 16.05 1.37 2.29
C ARG A 80 16.05 1.39 3.83
N ASP A 81 17.14 1.91 4.44
CA ASP A 81 17.21 1.95 5.91
C ASP A 81 16.00 2.69 6.53
N VAL A 82 15.58 3.83 5.96
CA VAL A 82 14.44 4.59 6.47
C VAL A 82 13.17 3.73 6.46
N MET A 83 13.04 2.84 5.45
CA MET A 83 11.88 1.94 5.36
C MET A 83 11.97 0.87 6.42
N SER A 84 13.18 0.33 6.61
CA SER A 84 13.43 -0.72 7.60
C SER A 84 13.22 -0.23 9.03
N ARG A 85 13.40 1.09 9.26
CA ARG A 85 13.22 1.69 10.59
C ARG A 85 11.80 2.12 10.90
N LEU A 86 10.85 2.03 9.94
CA LEU A 86 9.47 2.45 10.20
C LEU A 86 8.91 1.67 11.39
N ASP A 87 8.19 2.34 12.26
CA ASP A 87 7.54 1.74 13.42
C ASP A 87 6.18 2.45 13.48
N HIS A 88 5.31 2.09 12.52
CA HIS A 88 3.99 2.69 12.34
C HIS A 88 2.89 1.64 12.37
N PRO A 89 1.73 1.93 13.00
CA PRO A 89 0.69 0.91 13.10
C PRO A 89 0.12 0.44 11.76
N PHE A 90 0.30 1.22 10.67
CA PHE A 90 -0.30 0.86 9.39
C PHE A 90 0.60 0.25 8.32
N PHE A 91 1.85 -0.08 8.69
CA PHE A 91 2.79 -0.69 7.77
C PHE A 91 3.31 -1.96 8.39
N VAL A 92 3.58 -3.00 7.56
CA VAL A 92 4.19 -4.20 8.14
C VAL A 92 5.56 -3.77 8.69
N LYS A 93 5.94 -4.28 9.88
CA LYS A 93 7.17 -3.85 10.55
C LYS A 93 8.24 -4.92 10.51
N LEU A 94 9.51 -4.51 10.56
CA LEU A 94 10.63 -5.43 10.68
C LEU A 94 10.93 -5.59 12.18
N TYR A 95 10.80 -6.82 12.70
CA TYR A 95 11.01 -7.12 14.12
C TYR A 95 12.40 -7.61 14.43
N PHE A 96 12.97 -8.45 13.53
CA PHE A 96 14.26 -9.08 13.74
C PHE A 96 14.89 -9.52 12.44
N THR A 97 16.21 -9.76 12.49
CA THR A 97 16.92 -10.29 11.34
C THR A 97 17.90 -11.33 11.87
N PHE A 98 18.26 -12.27 11.01
CA PHE A 98 19.31 -13.25 11.30
C PHE A 98 19.77 -13.88 10.02
N GLN A 99 20.87 -14.64 10.06
CA GLN A 99 21.36 -15.28 8.87
C GLN A 99 21.99 -16.62 9.21
N ASP A 100 22.09 -17.48 8.21
CA ASP A 100 22.79 -18.78 8.30
C ASP A 100 23.80 -18.78 7.15
N ASP A 101 24.41 -19.95 6.81
CA ASP A 101 25.40 -19.98 5.74
C ASP A 101 24.89 -19.56 4.39
N GLU A 102 23.64 -19.90 4.11
CA GLU A 102 23.09 -19.66 2.79
C GLU A 102 22.09 -18.56 2.66
N LYS A 103 21.46 -18.12 3.77
CA LYS A 103 20.32 -17.20 3.66
C LYS A 103 20.28 -16.07 4.65
N LEU A 104 19.53 -15.01 4.28
CA LEU A 104 19.24 -13.86 5.15
C LEU A 104 17.76 -13.99 5.51
N TYR A 105 17.38 -13.69 6.76
CA TYR A 105 15.98 -13.81 7.21
C TYR A 105 15.56 -12.50 7.83
N PHE A 106 14.33 -12.08 7.55
CA PHE A 106 13.81 -10.80 8.06
C PHE A 106 12.42 -11.07 8.61
N GLY A 107 12.24 -10.90 9.90
CA GLY A 107 10.95 -11.17 10.52
C GLY A 107 10.04 -9.97 10.42
N LEU A 108 8.96 -10.13 9.68
CA LEU A 108 7.97 -9.07 9.44
C LEU A 108 6.61 -9.33 10.05
N SER A 109 5.80 -8.24 10.20
CA SER A 109 4.43 -8.41 10.69
C SER A 109 3.66 -9.42 9.82
N TYR A 110 2.88 -10.29 10.47
CA TYR A 110 1.98 -11.20 9.77
C TYR A 110 0.60 -10.54 9.85
N ALA A 111 -0.05 -10.39 8.70
CA ALA A 111 -1.37 -9.78 8.62
C ALA A 111 -2.38 -10.90 8.41
N LYS A 112 -2.88 -11.42 9.54
CA LYS A 112 -3.75 -12.61 9.60
C LYS A 112 -4.93 -12.63 8.64
N ASN A 113 -5.58 -11.47 8.46
CA ASN A 113 -6.78 -11.39 7.63
C ASN A 113 -6.59 -11.19 6.12
N GLY A 114 -5.34 -11.17 5.68
CA GLY A 114 -5.03 -11.05 4.26
C GLY A 114 -5.42 -9.73 3.63
N GLU A 115 -5.70 -9.77 2.32
CA GLU A 115 -5.97 -8.59 1.49
C GLU A 115 -7.29 -7.92 1.80
N LEU A 116 -7.28 -6.60 2.08
CA LEU A 116 -8.50 -5.87 2.44
C LEU A 116 -9.68 -6.01 1.43
N LEU A 117 -9.37 -5.92 0.14
CA LEU A 117 -10.38 -5.97 -0.90
C LEU A 117 -10.91 -7.38 -1.22
N LYS A 118 -10.39 -8.43 -0.52
CA LYS A 118 -10.83 -9.83 -0.70
C LYS A 118 -12.32 -9.99 -0.33
N TYR A 119 -12.87 -9.11 0.55
CA TYR A 119 -14.27 -9.17 0.98
C TYR A 119 -15.25 -8.82 -0.14
N ILE A 120 -14.78 -8.07 -1.14
CA ILE A 120 -15.62 -7.66 -2.29
C ILE A 120 -16.21 -8.87 -3.07
N ARG A 121 -15.45 -9.98 -3.18
CA ARG A 121 -15.91 -11.17 -3.89
C ARG A 121 -17.12 -11.84 -3.22
N LYS A 122 -17.33 -11.55 -1.94
CA LYS A 122 -18.45 -12.15 -1.21
C LYS A 122 -19.54 -11.13 -0.96
N ILE A 123 -19.14 -9.98 -0.41
CA ILE A 123 -19.95 -8.88 0.10
C ILE A 123 -20.23 -7.79 -0.92
N GLY A 124 -19.39 -7.70 -1.93
CA GLY A 124 -19.47 -6.66 -2.92
C GLY A 124 -18.87 -5.39 -2.36
N SER A 125 -19.25 -4.27 -2.93
CA SER A 125 -18.76 -2.96 -2.57
C SER A 125 -18.97 -2.64 -1.08
N PHE A 126 -18.10 -1.80 -0.54
CA PHE A 126 -18.16 -1.42 0.87
C PHE A 126 -19.18 -0.31 1.06
N ASP A 127 -19.75 -0.22 2.27
CA ASP A 127 -20.70 0.86 2.55
C ASP A 127 -19.91 2.16 2.83
N GLU A 128 -20.60 3.29 3.02
CA GLU A 128 -19.88 4.55 3.24
C GLU A 128 -19.04 4.57 4.52
N THR A 129 -19.58 4.04 5.64
CA THR A 129 -18.86 4.01 6.93
C THR A 129 -17.53 3.26 6.81
N CYS A 130 -17.58 2.06 6.18
CA CYS A 130 -16.38 1.26 6.01
C CYS A 130 -15.42 1.86 5.01
N THR A 131 -15.94 2.40 3.89
CA THR A 131 -15.08 3.08 2.91
C THR A 131 -14.35 4.25 3.61
N ARG A 132 -15.10 5.06 4.40
CA ARG A 132 -14.52 6.23 5.06
C ARG A 132 -13.40 5.81 6.01
N PHE A 133 -13.66 4.78 6.82
CA PHE A 133 -12.69 4.31 7.77
C PHE A 133 -11.41 3.79 7.12
N TYR A 134 -11.53 2.84 6.18
CA TYR A 134 -10.36 2.27 5.56
C TYR A 134 -9.64 3.29 4.67
N THR A 135 -10.38 4.17 4.00
CA THR A 135 -9.73 5.25 3.23
C THR A 135 -8.92 6.15 4.19
N ALA A 136 -9.49 6.49 5.37
CA ALA A 136 -8.77 7.32 6.35
C ALA A 136 -7.46 6.64 6.77
N GLU A 137 -7.51 5.33 7.07
CA GLU A 137 -6.29 4.59 7.46
C GLU A 137 -5.23 4.66 6.35
N ILE A 138 -5.63 4.46 5.07
CA ILE A 138 -4.70 4.55 3.94
C ILE A 138 -4.11 5.95 3.82
N VAL A 139 -4.97 6.99 3.91
CA VAL A 139 -4.52 8.38 3.83
C VAL A 139 -3.52 8.67 4.95
N SER A 140 -3.83 8.25 6.19
CA SER A 140 -2.95 8.45 7.36
C SER A 140 -1.57 7.76 7.16
N ALA A 141 -1.59 6.55 6.60
CA ALA A 141 -0.39 5.78 6.26
C ALA A 141 0.43 6.50 5.17
N LEU A 142 -0.22 6.92 4.05
CA LEU A 142 0.50 7.66 2.97
C LEU A 142 1.07 8.98 3.48
N GLU A 143 0.33 9.69 4.33
CA GLU A 143 0.86 10.95 4.87
C GLU A 143 2.17 10.71 5.62
N TYR A 144 2.21 9.66 6.46
CA TYR A 144 3.39 9.29 7.25
C TYR A 144 4.56 8.92 6.33
N LEU A 145 4.31 8.01 5.36
CA LEU A 145 5.29 7.57 4.39
C LEU A 145 5.87 8.77 3.61
N HIS A 146 4.98 9.63 3.07
CA HIS A 146 5.40 10.82 2.30
C HIS A 146 6.20 11.80 3.19
N GLY A 147 5.84 11.89 4.47
CA GLY A 147 6.51 12.75 5.44
C GLY A 147 7.96 12.33 5.66
N LYS A 148 8.29 11.04 5.40
CA LYS A 148 9.64 10.47 5.49
C LYS A 148 10.38 10.57 4.14
N GLY A 149 9.69 11.11 3.13
CA GLY A 149 10.23 11.22 1.78
C GLY A 149 10.18 9.90 1.02
N ILE A 150 9.33 8.95 1.47
CA ILE A 150 9.22 7.64 0.79
C ILE A 150 8.00 7.67 -0.11
N ILE A 151 8.17 7.16 -1.35
CA ILE A 151 7.02 7.00 -2.27
C ILE A 151 6.86 5.52 -2.52
N HIS A 152 5.62 5.01 -2.51
CA HIS A 152 5.41 3.57 -2.69
C HIS A 152 5.67 3.12 -4.14
N ARG A 153 5.06 3.82 -5.11
CA ARG A 153 5.21 3.58 -6.57
C ARG A 153 4.39 2.39 -7.11
N ASP A 154 3.79 1.55 -6.24
CA ASP A 154 2.99 0.41 -6.69
C ASP A 154 1.87 0.11 -5.70
N LEU A 155 1.18 1.18 -5.25
CA LEU A 155 0.14 1.02 -4.28
C LEU A 155 -1.10 0.44 -4.96
N LYS A 156 -1.56 -0.67 -4.43
CA LYS A 156 -2.71 -1.39 -4.98
C LYS A 156 -3.37 -2.20 -3.85
N PRO A 157 -4.60 -2.69 -4.06
CA PRO A 157 -5.28 -3.46 -3.00
C PRO A 157 -4.49 -4.68 -2.49
N GLU A 158 -3.70 -5.31 -3.36
CA GLU A 158 -2.87 -6.47 -3.00
C GLU A 158 -1.86 -6.10 -1.93
N ASN A 159 -1.47 -4.82 -1.88
CA ASN A 159 -0.49 -4.35 -0.92
C ASN A 159 -1.14 -3.80 0.37
N ILE A 160 -2.49 -3.88 0.49
CA ILE A 160 -3.15 -3.40 1.69
C ILE A 160 -3.72 -4.61 2.43
N LEU A 161 -2.97 -5.10 3.40
CA LEU A 161 -3.40 -6.27 4.17
C LEU A 161 -4.08 -5.85 5.44
N LEU A 162 -4.69 -6.81 6.14
CA LEU A 162 -5.42 -6.52 7.37
C LEU A 162 -4.88 -7.39 8.46
N ASN A 163 -4.60 -6.83 9.63
CA ASN A 163 -4.11 -7.68 10.74
C ASN A 163 -5.30 -8.30 11.47
N GLU A 164 -5.05 -9.00 12.59
CA GLU A 164 -6.12 -9.67 13.34
C GLU A 164 -7.14 -8.69 13.90
N ASP A 165 -6.71 -7.46 14.19
CA ASP A 165 -7.56 -6.40 14.73
C ASP A 165 -8.30 -5.63 13.63
N MET A 166 -8.15 -6.09 12.38
CA MET A 166 -8.79 -5.47 11.21
C MET A 166 -8.27 -4.05 10.86
N HIS A 167 -7.06 -3.72 11.31
CA HIS A 167 -6.44 -2.47 10.89
C HIS A 167 -5.54 -2.79 9.70
N ILE A 168 -5.32 -1.80 8.82
CA ILE A 168 -4.47 -2.03 7.65
C ILE A 168 -3.01 -2.26 8.01
N GLN A 169 -2.32 -3.00 7.13
CA GLN A 169 -0.88 -3.30 7.17
C GLN A 169 -0.41 -3.18 5.74
N ILE A 170 0.21 -2.05 5.37
CA ILE A 170 0.67 -1.88 3.97
C ILE A 170 2.02 -2.53 3.75
N THR A 171 2.13 -3.34 2.67
CA THR A 171 3.40 -3.99 2.31
C THR A 171 4.08 -3.26 1.14
N ASP A 172 5.41 -3.42 1.06
CA ASP A 172 6.23 -2.98 -0.07
C ASP A 172 6.85 -4.29 -0.60
N PHE A 173 6.95 -4.45 -1.93
CA PHE A 173 7.63 -5.61 -2.52
C PHE A 173 8.88 -5.14 -3.30
N GLY A 174 9.53 -4.11 -2.80
CA GLY A 174 10.74 -3.55 -3.40
C GLY A 174 10.54 -2.40 -4.36
N THR A 175 9.30 -1.84 -4.46
CA THR A 175 9.05 -0.69 -5.35
C THR A 175 9.25 0.65 -4.66
N ALA A 176 9.06 0.69 -3.34
CA ALA A 176 9.15 1.96 -2.61
C ALA A 176 10.55 2.58 -2.73
N LYS A 177 10.59 3.89 -2.78
CA LYS A 177 11.83 4.65 -3.00
C LYS A 177 11.89 5.85 -2.10
N VAL A 178 13.09 6.15 -1.60
CA VAL A 178 13.30 7.37 -0.82
C VAL A 178 13.70 8.46 -1.81
N LEU A 179 13.02 9.60 -1.77
CA LEU A 179 13.38 10.70 -2.66
C LEU A 179 14.58 11.44 -2.09
N SER A 180 15.39 12.03 -2.96
CA SER A 180 16.51 12.88 -2.54
C SER A 180 15.93 14.28 -2.34
N PRO A 181 16.48 15.18 -1.48
CA PRO A 181 15.88 16.53 -1.36
C PRO A 181 16.00 17.34 -2.65
N GLU A 182 16.92 16.94 -3.54
CA GLU A 182 17.13 17.61 -4.82
C GLU A 182 16.04 17.32 -5.87
N SER A 183 15.11 16.36 -5.59
CA SER A 183 14.08 16.08 -6.59
C SER A 183 12.82 15.56 -5.99
N LYS A 184 11.69 16.05 -6.51
CA LYS A 184 10.37 15.57 -6.09
C LYS A 184 9.95 14.32 -6.90
N GLN A 185 10.80 13.85 -7.84
CA GLN A 185 10.52 12.72 -8.73
C GLN A 185 11.59 11.66 -8.68
N ALA A 186 11.18 10.45 -9.03
CA ALA A 186 12.09 9.32 -9.16
C ALA A 186 11.64 8.61 -10.45
N ARG A 187 12.46 7.70 -11.00
CA ARG A 187 12.06 6.93 -12.19
C ARG A 187 10.68 6.23 -11.98
N ALA A 195 -0.84 -2.37 -13.41
CA ALA A 195 -1.46 -1.77 -14.59
C ALA A 195 -2.73 -0.96 -14.28
N GLN A 196 -3.76 -1.57 -13.66
CA GLN A 196 -5.01 -0.86 -13.36
C GLN A 196 -4.91 0.31 -12.40
N TYR A 197 -3.83 0.38 -11.59
CA TYR A 197 -3.68 1.40 -10.56
C TYR A 197 -2.54 2.35 -10.83
N VAL A 198 -1.93 2.26 -12.05
CA VAL A 198 -0.77 3.06 -12.47
C VAL A 198 -1.17 4.43 -12.92
N SER A 199 -0.44 5.45 -12.45
CA SER A 199 -0.71 6.85 -12.80
C SER A 199 -0.28 7.19 -14.25
N PRO A 200 -0.84 8.26 -14.86
CA PRO A 200 -0.43 8.64 -16.22
C PRO A 200 1.07 8.98 -16.33
N GLU A 201 1.67 9.66 -15.32
CA GLU A 201 3.12 9.99 -15.35
C GLU A 201 4.00 8.77 -15.38
N LEU A 202 3.59 7.67 -14.74
CA LEU A 202 4.41 6.46 -14.84
C LEU A 202 4.30 5.89 -16.26
N LEU A 203 3.19 6.22 -16.99
CA LEU A 203 2.99 5.81 -18.38
C LEU A 203 3.56 6.80 -19.42
N THR A 204 3.25 8.10 -19.30
CA THR A 204 3.67 9.15 -20.23
C THR A 204 5.09 9.68 -20.06
N GLU A 205 5.58 9.77 -18.81
CA GLU A 205 6.92 10.32 -18.57
C GLU A 205 7.86 9.42 -17.79
N LYS A 206 7.41 8.19 -17.50
CA LYS A 206 8.14 7.11 -16.78
C LYS A 206 8.77 7.58 -15.46
N SER A 207 8.07 8.51 -14.79
CA SER A 207 8.51 9.08 -13.52
C SER A 207 7.42 8.84 -12.46
N ALA A 208 7.81 8.89 -11.19
CA ALA A 208 6.90 8.73 -10.07
C ALA A 208 7.19 9.82 -9.06
N CYS A 209 6.16 10.25 -8.36
CA CYS A 209 6.29 11.28 -7.31
C CYS A 209 5.30 10.93 -6.21
N LYS A 210 5.22 11.75 -5.13
CA LYS A 210 4.25 11.43 -4.05
C LYS A 210 2.83 11.38 -4.63
N SER A 211 2.54 12.28 -5.56
CA SER A 211 1.23 12.39 -6.19
C SER A 211 0.85 11.11 -6.97
N SER A 212 1.83 10.29 -7.44
CA SER A 212 1.56 9.02 -8.13
C SER A 212 0.81 8.07 -7.17
N ASP A 213 1.15 8.15 -5.87
CA ASP A 213 0.50 7.34 -4.84
C ASP A 213 -0.91 7.85 -4.58
N LEU A 214 -1.15 9.16 -4.73
CA LEU A 214 -2.50 9.74 -4.54
C LEU A 214 -3.44 9.33 -5.69
N TRP A 215 -2.86 9.16 -6.90
CA TRP A 215 -3.63 8.63 -8.03
C TRP A 215 -4.10 7.20 -7.68
N ALA A 216 -3.14 6.33 -7.23
CA ALA A 216 -3.43 4.97 -6.79
C ALA A 216 -4.51 4.99 -5.71
N LEU A 217 -4.44 5.95 -4.76
CA LEU A 217 -5.44 6.06 -3.70
C LEU A 217 -6.84 6.31 -4.31
N GLY A 218 -6.90 7.18 -5.31
CA GLY A 218 -8.15 7.48 -6.03
C GLY A 218 -8.78 6.24 -6.63
N CYS A 219 -7.94 5.40 -7.26
CA CYS A 219 -8.37 4.13 -7.84
C CYS A 219 -8.92 3.19 -6.77
N ILE A 220 -8.21 3.13 -5.63
CA ILE A 220 -8.60 2.25 -4.51
C ILE A 220 -9.91 2.67 -3.90
N ILE A 221 -10.08 3.98 -3.64
CA ILE A 221 -11.36 4.48 -3.10
C ILE A 221 -12.49 4.09 -4.09
N TYR A 222 -12.28 4.38 -5.37
CA TYR A 222 -13.28 4.04 -6.39
C TYR A 222 -13.63 2.53 -6.31
N GLN A 223 -12.62 1.65 -6.20
CA GLN A 223 -12.89 0.21 -6.14
C GLN A 223 -13.65 -0.19 -4.88
N LEU A 224 -13.33 0.44 -3.73
CA LEU A 224 -14.08 0.11 -2.50
C LEU A 224 -15.57 0.44 -2.67
N VAL A 225 -15.86 1.58 -3.33
CA VAL A 225 -17.25 2.04 -3.46
C VAL A 225 -18.01 1.32 -4.58
N ALA A 226 -17.38 1.20 -5.75
CA ALA A 226 -17.99 0.60 -6.95
C ALA A 226 -17.90 -0.91 -7.03
N GLY A 227 -16.89 -1.48 -6.40
CA GLY A 227 -16.65 -2.94 -6.39
C GLY A 227 -15.77 -3.37 -7.53
N LEU A 228 -15.37 -2.41 -8.39
CA LEU A 228 -14.51 -2.63 -9.54
C LEU A 228 -13.56 -1.46 -9.68
N PRO A 229 -12.37 -1.65 -10.25
CA PRO A 229 -11.47 -0.50 -10.45
C PRO A 229 -12.00 0.44 -11.55
N PRO A 230 -11.55 1.73 -11.60
CA PRO A 230 -12.17 2.68 -12.55
C PRO A 230 -11.84 2.50 -14.02
N PHE A 231 -10.57 2.13 -14.31
CA PHE A 231 -10.08 1.95 -15.68
C PHE A 231 -10.16 0.47 -16.00
N ARG A 232 -11.13 0.13 -16.87
CA ARG A 232 -11.44 -1.24 -17.29
C ARG A 232 -11.57 -1.27 -18.79
N ALA A 233 -11.05 -2.34 -19.43
CA ALA A 233 -11.15 -2.47 -20.88
C ALA A 233 -10.76 -3.90 -21.25
N GLY A 234 -10.88 -4.22 -22.54
CA GLY A 234 -10.59 -5.54 -23.10
C GLY A 234 -9.23 -6.13 -22.79
N ASN A 235 -8.19 -5.29 -22.62
CA ASN A 235 -6.85 -5.78 -22.30
C ASN A 235 -6.02 -4.66 -21.70
N GLU A 236 -4.78 -4.97 -21.27
CA GLU A 236 -3.90 -3.98 -20.67
C GLU A 236 -3.58 -2.78 -21.56
N TYR A 237 -3.30 -3.06 -22.83
CA TYR A 237 -3.03 -2.02 -23.82
C TYR A 237 -4.17 -0.97 -23.80
N LEU A 238 -5.44 -1.43 -23.81
CA LEU A 238 -6.59 -0.52 -23.81
C LEU A 238 -6.77 0.19 -22.47
N ILE A 239 -6.49 -0.52 -21.36
CA ILE A 239 -6.58 0.10 -20.01
C ILE A 239 -5.63 1.29 -19.93
N PHE A 240 -4.38 1.11 -20.41
CA PHE A 240 -3.37 2.17 -20.42
C PHE A 240 -3.86 3.42 -21.17
N GLN A 241 -4.56 3.20 -22.29
CA GLN A 241 -5.14 4.29 -23.07
C GLN A 241 -6.22 5.03 -22.30
N LYS A 242 -7.09 4.29 -21.59
CA LYS A 242 -8.15 4.87 -20.78
C LYS A 242 -7.57 5.73 -19.64
N ILE A 243 -6.47 5.27 -19.03
CA ILE A 243 -5.79 6.02 -17.95
C ILE A 243 -5.28 7.36 -18.46
N ILE A 244 -4.50 7.31 -19.56
CA ILE A 244 -3.92 8.53 -20.11
C ILE A 244 -4.95 9.52 -20.63
N LYS A 245 -6.12 9.02 -21.05
CA LYS A 245 -7.20 9.86 -21.53
C LYS A 245 -8.26 10.17 -20.49
N LEU A 246 -8.10 9.61 -19.27
CA LEU A 246 -9.06 9.78 -18.18
C LEU A 246 -10.48 9.31 -18.58
N GLU A 247 -10.53 8.14 -19.24
CA GLU A 247 -11.79 7.56 -19.66
C GLU A 247 -12.33 6.62 -18.62
N TYR A 248 -13.23 7.12 -17.79
CA TYR A 248 -13.91 6.35 -16.75
C TYR A 248 -15.18 7.06 -16.36
N ASP A 249 -16.10 6.34 -15.71
CA ASP A 249 -17.36 6.93 -15.27
C ASP A 249 -17.71 6.36 -13.92
N PHE A 250 -18.61 7.01 -13.22
CA PHE A 250 -19.04 6.52 -11.93
C PHE A 250 -20.37 5.80 -12.08
N PRO A 251 -20.58 4.70 -11.31
CA PRO A 251 -21.92 4.07 -11.30
C PRO A 251 -22.93 4.99 -10.61
N GLU A 252 -24.24 4.77 -10.86
CA GLU A 252 -25.25 5.65 -10.27
C GLU A 252 -25.26 5.69 -8.74
N LYS A 253 -24.93 4.56 -8.07
CA LYS A 253 -24.99 4.45 -6.60
C LYS A 253 -23.77 5.00 -5.80
N PHE A 254 -22.80 5.54 -6.50
CA PHE A 254 -21.57 6.06 -5.91
C PHE A 254 -21.82 7.19 -4.92
N PHE A 255 -21.33 7.05 -3.67
CA PHE A 255 -21.54 8.07 -2.63
C PHE A 255 -21.08 9.43 -3.14
N PRO A 256 -21.97 10.47 -3.13
CA PRO A 256 -21.60 11.76 -3.72
C PRO A 256 -20.31 12.37 -3.18
N LYS A 257 -20.08 12.29 -1.87
CA LYS A 257 -18.83 12.86 -1.30
C LYS A 257 -17.59 12.08 -1.75
N ALA A 258 -17.75 10.74 -1.89
CA ALA A 258 -16.65 9.91 -2.39
C ALA A 258 -16.40 10.20 -3.87
N ARG A 259 -17.48 10.43 -4.66
CA ARG A 259 -17.29 10.77 -6.08
C ARG A 259 -16.46 12.05 -6.22
N ASP A 260 -16.79 13.09 -5.43
CA ASP A 260 -16.08 14.36 -5.44
C ASP A 260 -14.61 14.16 -5.12
N LEU A 261 -14.33 13.36 -4.09
CA LEU A 261 -12.96 13.08 -3.65
C LEU A 261 -12.19 12.35 -4.74
N VAL A 262 -12.79 11.33 -5.34
CA VAL A 262 -12.14 10.59 -6.43
C VAL A 262 -11.81 11.50 -7.62
N GLU A 263 -12.72 12.42 -7.97
CA GLU A 263 -12.49 13.34 -9.09
C GLU A 263 -11.34 14.27 -8.82
N LYS A 264 -11.10 14.56 -7.54
CA LYS A 264 -10.03 15.43 -7.09
C LYS A 264 -8.68 14.72 -6.96
N LEU A 265 -8.67 13.38 -7.03
CA LEU A 265 -7.45 12.55 -6.97
C LEU A 265 -7.07 12.05 -8.38
N LEU A 266 -8.09 11.66 -9.16
CA LEU A 266 -7.90 11.15 -10.51
C LEU A 266 -7.80 12.30 -11.52
N VAL A 267 -6.71 13.06 -11.38
CA VAL A 267 -6.40 14.25 -12.20
C VAL A 267 -5.13 13.95 -12.98
N LEU A 268 -5.12 14.16 -14.32
CA LEU A 268 -3.95 13.84 -15.14
C LEU A 268 -2.68 14.58 -14.68
N ASP A 269 -2.82 15.88 -14.39
CA ASP A 269 -1.71 16.70 -13.93
C ASP A 269 -1.44 16.33 -12.46
N ALA A 270 -0.26 15.73 -12.19
CA ALA A 270 0.15 15.27 -10.86
C ALA A 270 0.23 16.40 -9.83
N THR A 271 0.43 17.66 -10.27
CA THR A 271 0.50 18.79 -9.35
C THR A 271 -0.87 19.34 -8.96
N LYS A 272 -1.96 18.72 -9.47
CA LYS A 272 -3.30 19.21 -9.18
C LYS A 272 -4.12 18.24 -8.36
N ARG A 273 -3.51 17.16 -7.87
CA ARG A 273 -4.20 16.15 -7.05
C ARG A 273 -4.32 16.60 -5.61
N LEU A 274 -5.52 16.41 -5.03
CA LEU A 274 -5.77 16.76 -3.63
C LEU A 274 -4.82 15.95 -2.77
N GLY A 275 -4.13 16.63 -1.85
CA GLY A 275 -3.14 15.98 -1.00
C GLY A 275 -1.70 16.23 -1.44
N CYS A 276 -1.48 16.59 -2.71
CA CYS A 276 -0.12 16.81 -3.21
C CYS A 276 0.51 18.09 -2.70
N GLU A 277 1.86 18.15 -2.72
CA GLU A 277 2.63 19.30 -2.23
C GLU A 277 2.18 20.62 -2.80
N GLU A 278 1.97 20.65 -4.12
CA GLU A 278 1.58 21.85 -4.86
C GLU A 278 0.14 22.32 -4.54
N MET A 279 -0.68 21.43 -3.96
CA MET A 279 -2.07 21.70 -3.56
C MET A 279 -2.18 21.92 -2.04
N GLU A 280 -1.04 22.24 -1.41
CA GLU A 280 -0.93 22.50 0.03
C GLU A 280 -0.93 21.27 0.94
N GLY A 281 -0.58 20.12 0.38
CA GLY A 281 -0.40 18.91 1.18
C GLY A 281 -1.63 18.24 1.76
N TYR A 282 -1.42 17.46 2.83
CA TYR A 282 -2.46 16.59 3.40
C TYR A 282 -3.65 17.21 4.08
N GLY A 283 -3.49 18.43 4.61
CA GLY A 283 -4.58 19.12 5.32
C GLY A 283 -5.88 19.18 4.52
N PRO A 284 -5.83 19.77 3.29
CA PRO A 284 -7.05 19.87 2.46
C PRO A 284 -7.65 18.50 2.12
N LEU A 285 -6.78 17.46 2.02
CA LEU A 285 -7.26 16.11 1.71
C LEU A 285 -7.97 15.55 2.93
N LYS A 286 -7.33 15.59 4.12
CA LYS A 286 -7.94 15.09 5.36
C LYS A 286 -9.21 15.87 5.74
N ALA A 287 -9.30 17.15 5.29
CA ALA A 287 -10.46 18.01 5.58
C ALA A 287 -11.56 17.92 4.54
N HIS A 288 -11.39 17.04 3.54
CA HIS A 288 -12.42 16.89 2.51
C HIS A 288 -13.74 16.42 3.16
N PRO A 289 -14.92 16.92 2.71
CA PRO A 289 -16.20 16.51 3.31
C PRO A 289 -16.43 15.02 3.41
N PHE A 290 -15.80 14.20 2.53
CA PHE A 290 -15.95 12.76 2.60
C PHE A 290 -15.50 12.23 4.00
N PHE A 291 -14.50 12.89 4.62
CA PHE A 291 -13.95 12.48 5.92
C PHE A 291 -14.62 13.15 7.13
N GLU A 292 -15.88 13.62 6.98
CA GLU A 292 -16.57 14.25 8.10
C GLU A 292 -16.72 13.25 9.24
N SER A 293 -16.43 13.70 10.47
CA SER A 293 -16.46 12.94 11.72
C SER A 293 -15.23 12.08 11.97
N VAL A 294 -14.27 12.05 11.04
CA VAL A 294 -13.04 11.23 11.28
C VAL A 294 -12.18 11.87 12.37
N THR A 295 -11.71 11.03 13.31
CA THR A 295 -10.77 11.45 14.36
C THR A 295 -9.43 10.86 13.90
N TRP A 296 -8.67 11.65 13.15
CA TRP A 296 -7.44 11.24 12.51
C TRP A 296 -6.34 10.79 13.42
N GLU A 297 -6.29 11.32 14.65
CA GLU A 297 -5.21 10.99 15.59
C GLU A 297 -5.28 9.63 16.25
N ASN A 298 -6.46 9.01 16.30
CA ASN A 298 -6.59 7.71 17.00
C ASN A 298 -7.17 6.58 16.16
N LEU A 299 -7.06 6.65 14.82
CA LEU A 299 -7.61 5.61 13.95
C LEU A 299 -7.12 4.22 14.34
N HIS A 300 -5.83 4.09 14.72
CA HIS A 300 -5.22 2.82 15.08
C HIS A 300 -5.81 2.23 16.38
N GLN A 301 -6.43 3.09 17.21
CA GLN A 301 -7.01 2.71 18.50
C GLN A 301 -8.49 2.46 18.43
N GLN A 302 -9.13 2.90 17.35
CA GLN A 302 -10.57 2.72 17.14
C GLN A 302 -10.85 1.30 16.72
N THR A 303 -12.06 0.81 17.06
CA THR A 303 -12.45 -0.51 16.63
C THR A 303 -12.92 -0.33 15.17
N PRO A 304 -12.28 -0.98 14.16
CA PRO A 304 -12.76 -0.82 12.78
C PRO A 304 -14.24 -1.21 12.62
N PRO A 305 -15.02 -0.50 11.77
CA PRO A 305 -16.44 -0.91 11.58
C PRO A 305 -16.45 -2.27 10.89
N LYS A 306 -17.36 -3.20 11.32
CA LYS A 306 -17.41 -4.54 10.74
C LYS A 306 -17.98 -4.45 9.36
N LEU A 307 -17.36 -5.14 8.39
CA LEU A 307 -17.82 -5.13 7.00
C LEU A 307 -19.19 -5.79 6.86
N THR A 308 -19.49 -6.75 7.77
CA THR A 308 -20.75 -7.49 7.95
C THR A 308 -20.80 -7.98 9.40
N ALA A 309 -22.01 -8.23 9.93
CA ALA A 309 -22.23 -8.78 11.27
C ALA A 309 -21.84 -10.26 11.35
C MP7 B . 9.35 -4.62 4.23
F MP7 B . 4.35 0.97 2.22
N MP7 B . 8.10 -2.67 5.03
O MP7 B . 7.19 -4.05 3.38
C1 MP7 B . 10.38 -4.27 5.06
C2 MP7 B . 10.30 -3.14 5.94
C3 MP7 B . 9.18 -2.31 5.86
C4 MP7 B . 8.11 -3.75 4.14
C5 MP7 B . 6.92 -1.81 5.06
C6 MP7 B . 6.90 -0.80 3.98
C7 MP7 B . 8.12 -0.21 3.43
C8 MP7 B . 8.02 0.83 2.46
C9 MP7 B . 6.70 1.19 2.06
C10 MP7 B . 5.56 0.60 2.60
C11 MP7 B . 5.64 -0.41 3.55
F12 MP7 B . 6.57 2.16 1.15
C13 MP7 B . 3.07 -10.28 3.72
C14 MP7 B . 3.77 -9.74 4.78
C15 MP7 B . 4.92 -9.01 4.58
C16 MP7 B . 5.35 -8.85 3.21
C17 MP7 B . 4.58 -9.40 2.12
C18 MP7 B . 3.41 -10.14 2.41
N19 MP7 B . 1.94 -10.97 4.18
N20 MP7 B . 3.09 -10.08 5.92
O21 MP7 B . 6.48 -8.09 3.11
C22 MP7 B . 7.02 -7.92 1.77
C23 MP7 B . 8.47 -7.51 1.93
C24 MP7 B . 9.26 -7.59 0.62
C25 MP7 B . 10.18 -6.57 0.31
C26 MP7 B . 10.97 -6.65 -0.90
C27 MP7 B . 10.79 -7.76 -1.75
C28 MP7 B . 9.88 -8.76 -1.44
C29 MP7 B . 9.12 -8.73 -0.25
C30 MP7 B . 1.96 -10.85 5.57
O31 MP7 B . 1.09 -11.33 6.30
N32 MP7 B . 8.46 -6.23 2.67
C33 MP7 B . 9.52 -5.87 3.48
O34 MP7 B . 10.54 -6.54 3.64
#